data_8GSB
#
_entry.id   8GSB
#
_cell.length_a   1.00
_cell.length_b   1.00
_cell.length_c   1.00
_cell.angle_alpha   90.00
_cell.angle_beta   90.00
_cell.angle_gamma   90.00
#
_symmetry.space_group_name_H-M   'P 1'
#
loop_
_entity.id
_entity.type
_entity.pdbx_description
1 polymer 'Spike protein S1'
2 polymer 'heavy chain of VacBB-665'
3 polymer 'Light chain of VacBB-665'
#
loop_
_entity_poly.entity_id
_entity_poly.type
_entity_poly.pdbx_seq_one_letter_code
_entity_poly.pdbx_strand_id
1 'polypeptide(L)'
;RVQPTESIVRFPNITNLCPFDEVFNATRFASVYAWNRKRISNCVADYSVLYNLAPFFTFKCYGVSPTKLNDLCFTNVYAD
SFVIRGDEVRQIAPGQTGNIADYNYKLPDDFTGCVIAWNSNKLDSKVSGNYNYLYRLFRKSNLKPFERDISTEIYQAGNK
PCNGVAGFNCYFPLRSYSFRPTYGVGHQPYRVVVLSFELLHAPATVCGPKKSTNLVKNKCVNF
;
A
2 'polypeptide(L)'
;MQLVQSGPEVKKPGSSVRVSCKASGFTFTPSAVQWVRQARGQRLEWIGWIVVGSGNTNYAQKFQERVTITRDMSTGTVYM
DLSSLRSEDTACYYCAAPHCNRTNCYDGFDLWGQGTVVTV
;
H
3 'polypeptide(L)'
;EIVLTQSPGTLSLSPGERATLSCRASQSVSSSYLAWYQQKPGQAPRLLIYGASSRATGIPDRFSGTGSGTDFTLTISRLE
PEDFAVYYCQQYGRSPWTFGQGTKVEI
;
K
#
# COMPACT_ATOMS: atom_id res chain seq x y z
N PHE A 20 -0.36 38.27 19.64
CA PHE A 20 -0.63 37.12 18.72
C PHE A 20 -1.64 37.52 17.65
N ASP A 21 -1.12 38.03 16.54
CA ASP A 21 -1.96 38.52 15.45
C ASP A 21 -1.56 37.88 14.13
N GLU A 22 -0.40 37.22 14.10
CA GLU A 22 0.17 36.75 12.84
C GLU A 22 -0.05 35.26 12.63
N VAL A 23 -0.28 34.49 13.69
CA VAL A 23 -0.37 33.02 13.53
C VAL A 23 -1.73 32.36 13.77
N PHE A 24 -2.81 33.01 13.36
CA PHE A 24 -4.15 32.41 13.49
C PHE A 24 -5.04 32.97 12.41
N ASN A 25 -4.90 34.25 12.15
CA ASN A 25 -5.70 34.92 11.13
C ASN A 25 -5.00 34.88 9.78
N ALA A 26 -3.98 34.03 9.64
CA ALA A 26 -3.26 33.93 8.38
C ALA A 26 -4.17 33.37 7.31
N THR A 27 -4.10 33.95 6.12
CA THR A 27 -5.00 33.53 5.04
C THR A 27 -4.76 32.07 4.68
N ARG A 28 -3.51 31.63 4.68
CA ARG A 28 -3.14 30.29 4.24
C ARG A 28 -2.21 29.64 5.25
N PHE A 29 -2.39 28.35 5.47
CA PHE A 29 -1.56 27.56 6.36
C PHE A 29 -0.74 26.56 5.56
N ALA A 30 0.39 26.14 6.15
CA ALA A 30 1.26 25.18 5.49
C ALA A 30 0.73 23.76 5.67
N SER A 31 1.34 22.82 4.96
CA SER A 31 0.96 21.42 5.03
C SER A 31 1.53 20.80 6.31
N VAL A 32 1.46 19.47 6.39
CA VAL A 32 2.01 18.76 7.54
C VAL A 32 3.38 18.19 7.23
N TYR A 33 3.57 17.69 6.00
CA TYR A 33 4.89 17.17 5.62
C TYR A 33 5.96 18.24 5.77
N ALA A 34 5.58 19.51 5.65
CA ALA A 34 6.40 20.62 6.10
C ALA A 34 5.59 21.42 7.11
N TRP A 35 6.17 22.49 7.65
CA TRP A 35 5.42 23.36 8.57
C TRP A 35 6.27 24.58 8.90
N ASN A 36 5.62 25.73 9.04
CA ASN A 36 6.36 26.96 9.30
C ASN A 36 6.15 27.43 10.74
N ARG A 37 7.25 27.73 11.43
CA ARG A 37 7.14 28.24 12.79
C ARG A 37 7.71 29.63 12.91
N LYS A 38 7.89 30.11 14.13
CA LYS A 38 8.36 31.46 14.35
C LYS A 38 9.19 31.48 15.63
N ARG A 39 9.72 32.66 15.96
CA ARG A 39 10.62 32.85 17.09
C ARG A 39 10.19 34.07 17.89
N ILE A 40 8.91 34.12 18.25
CA ILE A 40 8.34 35.25 18.99
C ILE A 40 9.26 35.63 20.13
N SER A 41 9.53 36.93 20.28
CA SER A 41 10.45 37.39 21.30
C SER A 41 10.32 38.89 21.45
N ASN A 42 10.70 39.39 22.63
CA ASN A 42 10.73 40.82 22.94
C ASN A 42 9.33 41.44 22.92
N CYS A 43 8.29 40.63 22.86
CA CYS A 43 6.91 41.10 22.89
C CYS A 43 6.27 40.58 24.16
N VAL A 44 5.59 41.49 24.89
CA VAL A 44 4.96 41.09 26.13
C VAL A 44 3.67 40.39 25.76
N ALA A 45 3.74 39.07 25.63
CA ALA A 45 2.68 38.29 24.99
C ALA A 45 1.36 38.48 25.73
N ASP A 46 0.41 39.14 25.06
CA ASP A 46 -0.94 39.29 25.57
C ASP A 46 -1.67 37.98 25.36
N TYR A 47 -1.54 37.06 26.32
CA TYR A 47 -2.13 35.74 26.21
C TYR A 47 -3.63 35.73 26.41
N SER A 48 -4.27 36.90 26.46
CA SER A 48 -5.72 36.94 26.50
C SER A 48 -6.32 36.21 25.32
N VAL A 49 -5.67 36.27 24.16
CA VAL A 49 -6.15 35.63 22.95
C VAL A 49 -7.56 36.13 22.63
N PHE A 57 -13.31 25.32 21.92
CA PHE A 57 -12.24 25.66 20.99
C PHE A 57 -10.96 24.88 21.32
N THR A 58 -11.01 24.06 22.37
CA THR A 58 -9.96 23.09 22.67
C THR A 58 -8.63 23.79 22.97
N PHE A 59 -8.66 24.72 23.93
CA PHE A 59 -7.44 25.39 24.39
C PHE A 59 -6.69 24.50 25.37
N LYS A 60 -6.38 23.29 24.90
CA LYS A 60 -5.77 22.26 25.75
C LYS A 60 -4.29 22.57 25.95
N CYS A 61 -3.91 22.85 27.20
CA CYS A 61 -2.53 23.20 27.55
C CYS A 61 -1.96 22.14 28.48
N TYR A 62 -0.72 21.72 28.19
CA TYR A 62 -0.07 20.63 28.92
C TYR A 62 0.97 21.14 29.92
N GLY A 63 1.95 21.90 29.45
CA GLY A 63 3.07 22.29 30.29
C GLY A 63 2.67 23.03 31.55
N VAL A 64 2.15 24.24 31.38
CA VAL A 64 1.71 25.08 32.50
C VAL A 64 0.30 25.54 32.21
N SER A 65 -0.60 25.32 33.17
CA SER A 65 -2.00 25.66 32.97
C SER A 65 -2.17 27.17 32.88
N PRO A 66 -3.28 27.63 32.29
CA PRO A 66 -3.51 29.07 32.16
C PRO A 66 -3.83 29.80 33.45
N THR A 67 -3.68 29.14 34.60
CA THR A 67 -3.85 29.83 35.88
C THR A 67 -2.95 31.07 35.94
N LYS A 68 -1.68 30.91 35.56
CA LYS A 68 -0.70 32.00 35.61
C LYS A 68 -0.05 32.25 34.25
N LEU A 69 -0.66 31.81 33.15
CA LEU A 69 -0.05 32.03 31.84
C LEU A 69 0.10 33.51 31.53
N ASN A 70 -0.65 34.38 32.22
CA ASN A 70 -0.55 35.82 32.01
C ASN A 70 0.51 36.48 32.89
N ASP A 71 1.28 35.69 33.65
CA ASP A 71 2.34 36.24 34.49
C ASP A 71 3.47 35.21 34.52
N LEU A 72 4.50 35.45 33.71
CA LEU A 72 5.57 34.47 33.52
C LEU A 72 6.84 35.20 33.08
N CYS A 73 7.93 34.44 33.04
CA CYS A 73 9.25 34.95 32.66
C CYS A 73 9.93 33.98 31.69
N PHE A 74 9.19 33.56 30.67
CA PHE A 74 9.63 32.45 29.82
C PHE A 74 10.87 32.80 29.01
N THR A 75 10.92 34.02 28.46
CA THR A 75 12.12 34.48 27.75
C THR A 75 12.32 33.94 26.33
N ASN A 76 11.58 32.90 25.94
CA ASN A 76 11.69 32.42 24.57
C ASN A 76 10.50 31.54 24.21
N VAL A 77 9.84 31.83 23.09
CA VAL A 77 8.64 31.12 22.68
C VAL A 77 8.69 30.85 21.19
N TYR A 78 8.24 29.67 20.79
CA TYR A 78 8.04 29.33 19.38
C TYR A 78 6.55 29.23 19.10
N ALA A 79 6.21 29.11 17.82
CA ALA A 79 4.81 28.99 17.43
C ALA A 79 4.76 28.28 16.08
N ASP A 80 4.39 26.99 16.09
CA ASP A 80 4.30 26.23 14.85
C ASP A 80 2.96 26.44 14.16
N SER A 81 2.69 25.67 13.11
CA SER A 81 1.41 25.76 12.40
C SER A 81 1.13 24.48 11.62
N PHE A 82 -0.09 23.96 11.70
CA PHE A 82 -0.42 22.70 11.03
C PHE A 82 -1.87 22.59 10.57
N VAL A 83 -2.11 21.90 9.46
CA VAL A 83 -3.48 21.65 9.01
C VAL A 83 -3.67 20.15 8.91
N ILE A 84 -4.62 19.60 9.67
CA ILE A 84 -4.82 18.16 9.72
C ILE A 84 -6.30 17.83 9.88
N ARG A 85 -6.62 16.57 9.60
CA ARG A 85 -7.97 16.07 9.78
C ARG A 85 -8.34 16.04 11.26
N GLY A 86 -9.63 16.19 11.55
CA GLY A 86 -10.07 16.27 12.94
C GLY A 86 -9.71 15.03 13.74
N ASP A 87 -9.97 13.84 13.19
CA ASP A 87 -9.73 12.62 13.96
C ASP A 87 -8.27 12.42 14.30
N GLU A 88 -7.35 13.02 13.56
CA GLU A 88 -5.92 12.84 13.80
C GLU A 88 -5.36 13.83 14.81
N VAL A 89 -6.18 14.74 15.33
CA VAL A 89 -5.67 15.77 16.24
C VAL A 89 -5.14 15.16 17.53
N ARG A 90 -5.77 14.08 18.00
CA ARG A 90 -5.33 13.48 19.25
C ARG A 90 -3.85 13.09 19.21
N GLN A 91 -3.37 12.68 18.03
CA GLN A 91 -2.00 12.20 17.90
C GLN A 91 -0.97 13.28 18.15
N ILE A 92 -1.38 14.56 18.17
CA ILE A 92 -0.44 15.64 18.42
C ILE A 92 0.17 15.53 19.82
N ALA A 93 -0.63 15.09 20.80
CA ALA A 93 -0.16 15.08 22.18
C ALA A 93 1.07 14.17 22.32
N PRO A 94 1.95 14.47 23.27
CA PRO A 94 3.20 13.73 23.36
C PRO A 94 2.99 12.29 23.80
N GLY A 95 3.95 11.45 23.44
CA GLY A 95 3.92 10.06 23.85
C GLY A 95 2.75 9.27 23.31
N GLN A 96 2.41 9.48 22.03
CA GLN A 96 1.38 8.71 21.37
C GLN A 96 1.86 8.33 19.98
N THR A 97 1.29 7.24 19.45
CA THR A 97 1.64 6.73 18.14
C THR A 97 0.55 7.10 17.14
N GLY A 98 0.96 7.22 15.88
CA GLY A 98 0.05 7.59 14.82
C GLY A 98 0.76 7.80 13.50
N ASN A 99 0.01 7.81 12.40
CA ASN A 99 0.64 7.97 11.09
C ASN A 99 1.31 9.32 10.97
N ILE A 100 0.66 10.38 11.47
CA ILE A 100 1.23 11.73 11.39
C ILE A 100 2.05 12.10 12.61
N ALA A 101 1.92 11.39 13.72
CA ALA A 101 2.73 11.62 14.90
C ALA A 101 3.98 10.74 14.95
N ASP A 102 4.13 9.79 14.09
CA ASP A 102 5.32 8.95 14.07
C ASP A 102 6.12 9.15 12.78
N TYR A 103 5.60 10.00 11.86
CA TYR A 103 6.31 10.27 10.62
C TYR A 103 6.44 11.76 10.30
N ASN A 104 5.61 12.63 10.84
CA ASN A 104 5.59 14.04 10.45
C ASN A 104 5.96 14.98 11.58
N TYR A 105 5.36 14.77 12.75
CA TYR A 105 5.58 15.68 13.87
C TYR A 105 5.32 14.98 15.20
N LYS A 106 6.36 14.80 15.99
CA LYS A 106 6.25 14.15 17.29
C LYS A 106 6.83 15.05 18.35
N LEU A 107 6.10 15.22 19.47
CA LEU A 107 6.57 16.03 20.58
C LEU A 107 7.39 15.19 21.55
N PRO A 108 8.31 15.81 22.29
CA PRO A 108 9.09 15.05 23.28
C PRO A 108 8.24 14.70 24.50
N ASP A 109 8.75 13.76 25.28
CA ASP A 109 8.04 13.29 26.45
C ASP A 109 7.93 14.33 27.55
N ASP A 110 8.78 15.37 27.52
CA ASP A 110 8.78 16.43 28.52
C ASP A 110 8.13 17.70 27.98
N PHE A 111 7.04 17.55 27.23
CA PHE A 111 6.43 18.69 26.56
C PHE A 111 6.07 19.77 27.56
N THR A 112 6.31 21.03 27.19
CA THR A 112 5.97 22.20 27.99
C THR A 112 5.38 23.24 27.04
N GLY A 113 4.06 23.21 26.87
CA GLY A 113 3.41 24.11 25.95
C GLY A 113 1.90 23.97 25.93
N CYS A 114 1.28 24.33 24.82
CA CYS A 114 -0.16 24.22 24.66
C CYS A 114 -0.47 23.87 23.21
N VAL A 115 -1.60 23.20 23.00
CA VAL A 115 -1.99 22.69 21.69
C VAL A 115 -3.40 23.20 21.41
N ILE A 116 -3.48 24.31 20.71
CA ILE A 116 -4.76 24.94 20.37
C ILE A 116 -5.24 24.37 19.05
N ALA A 117 -6.56 24.24 18.90
CA ALA A 117 -7.12 23.72 17.66
C ALA A 117 -8.61 23.94 17.54
N TRP A 118 -9.06 24.35 16.36
CA TRP A 118 -10.48 24.43 16.01
C TRP A 118 -10.66 23.80 14.63
N ASN A 119 -11.88 23.88 14.10
CA ASN A 119 -12.19 23.31 12.81
C ASN A 119 -12.27 24.41 11.75
N SER A 120 -11.94 24.03 10.51
CA SER A 120 -11.99 24.92 9.36
C SER A 120 -12.95 24.35 8.31
N ASN A 121 -14.11 23.90 8.76
CA ASN A 121 -15.02 23.18 7.88
C ASN A 121 -15.45 24.04 6.69
N LYS A 122 -15.80 25.30 6.94
CA LYS A 122 -16.36 26.17 5.92
C LYS A 122 -15.34 27.14 5.33
N LEU A 123 -14.07 27.01 5.69
CA LEU A 123 -13.02 27.89 5.18
C LEU A 123 -12.05 27.14 4.26
N ASP A 124 -11.41 26.07 4.77
CA ASP A 124 -10.45 25.34 3.95
C ASP A 124 -11.15 24.45 2.93
N SER A 125 -12.35 23.98 3.26
CA SER A 125 -13.11 23.19 2.31
C SER A 125 -13.45 24.03 1.08
N LYS A 126 -13.48 23.37 -0.07
CA LYS A 126 -13.66 24.07 -1.34
C LYS A 126 -14.50 23.20 -2.26
N VAL A 127 -15.21 23.85 -3.19
CA VAL A 127 -16.00 23.12 -4.17
C VAL A 127 -15.12 22.11 -4.87
N SER A 128 -15.54 20.85 -4.85
CA SER A 128 -14.82 19.69 -5.38
C SER A 128 -13.61 19.36 -4.52
N GLY A 129 -13.37 20.09 -3.43
CA GLY A 129 -12.29 19.77 -2.50
C GLY A 129 -11.03 20.57 -2.78
N ASN A 130 -10.08 20.43 -1.85
CA ASN A 130 -8.78 21.08 -1.94
C ASN A 130 -7.69 20.00 -1.89
N TYR A 131 -6.75 20.09 -2.83
CA TYR A 131 -5.67 19.11 -2.94
C TYR A 131 -4.33 19.65 -2.47
N ASN A 132 -4.27 20.90 -2.02
CA ASN A 132 -2.99 21.52 -1.73
C ASN A 132 -2.33 20.96 -0.48
N TYR A 133 -3.09 20.33 0.40
CA TYR A 133 -2.55 19.79 1.64
C TYR A 133 -2.05 18.36 1.44
N LEU A 134 -1.00 18.01 2.17
CA LEU A 134 -0.37 16.71 2.04
C LEU A 134 0.08 16.22 3.41
N TYR A 135 0.35 14.92 3.50
CA TYR A 135 0.90 14.32 4.71
C TYR A 135 1.73 13.12 4.32
N ARG A 136 2.95 13.05 4.87
CA ARG A 136 3.87 11.98 4.50
C ARG A 136 3.30 10.63 4.96
N LEU A 137 3.42 9.63 4.08
CA LEU A 137 2.86 8.31 4.34
C LEU A 137 3.90 7.25 4.60
N PHE A 138 5.12 7.40 4.07
CA PHE A 138 6.17 6.41 4.22
C PHE A 138 7.47 7.09 4.60
N ARG A 139 8.29 6.37 5.37
CA ARG A 139 9.60 6.86 5.77
C ARG A 139 10.46 5.68 6.18
N LYS A 140 11.77 5.92 6.24
CA LYS A 140 12.69 4.86 6.64
C LYS A 140 12.53 4.50 8.10
N SER A 141 12.49 5.51 8.97
CA SER A 141 12.42 5.28 10.41
C SER A 141 11.59 6.40 11.04
N ASN A 142 11.31 6.22 12.34
CA ASN A 142 10.53 7.20 13.04
C ASN A 142 11.23 8.53 13.09
N LEU A 143 10.55 9.53 13.60
CA LEU A 143 11.10 10.88 13.68
C LEU A 143 11.53 11.21 15.11
N LYS A 144 12.56 12.03 15.20
CA LYS A 144 12.96 12.61 16.48
C LYS A 144 12.15 13.89 16.74
N PRO A 145 12.03 14.29 18.00
CA PRO A 145 11.16 15.45 18.30
C PRO A 145 11.61 16.70 17.56
N PHE A 146 10.63 17.48 17.12
CA PHE A 146 10.88 18.75 16.44
C PHE A 146 11.82 18.56 15.26
N GLU A 147 11.46 17.66 14.36
CA GLU A 147 12.25 17.39 13.16
C GLU A 147 11.32 17.26 11.96
N ARG A 148 11.80 17.74 10.81
CA ARG A 148 11.05 17.71 9.57
C ARG A 148 11.97 17.25 8.44
N ASP A 149 11.38 16.70 7.40
CA ASP A 149 12.13 16.24 6.25
C ASP A 149 11.25 16.38 5.02
N ILE A 150 11.62 17.22 4.09
CA ILE A 150 10.87 17.50 2.88
C ILE A 150 11.69 16.96 1.71
N SER A 151 11.30 15.80 1.19
CA SER A 151 11.99 15.20 0.05
C SER A 151 11.06 14.18 -0.58
N THR A 152 10.66 14.43 -1.83
CA THR A 152 9.75 13.56 -2.56
C THR A 152 10.58 12.65 -3.46
N GLU A 153 10.82 11.41 -3.01
CA GLU A 153 11.57 10.44 -3.78
C GLU A 153 10.91 9.08 -3.66
N ILE A 154 11.17 8.23 -4.66
CA ILE A 154 10.71 6.85 -4.59
C ILE A 154 11.22 6.20 -3.30
N TYR A 155 10.42 5.29 -2.75
CA TYR A 155 10.73 4.67 -1.47
C TYR A 155 10.28 3.22 -1.50
N GLN A 156 10.71 2.47 -0.48
CA GLN A 156 10.23 1.10 -0.28
C GLN A 156 10.86 0.00 -1.10
N ALA A 157 11.27 -1.06 -0.42
CA ALA A 157 11.72 -2.26 -1.14
C ALA A 157 12.13 -3.36 -0.20
N GLY A 158 12.48 -4.51 -0.76
CA GLY A 158 13.37 -5.45 -0.13
C GLY A 158 14.75 -5.08 -0.66
N ASN A 159 15.25 -5.82 -1.63
CA ASN A 159 16.30 -5.27 -2.48
C ASN A 159 15.76 -4.05 -3.22
N LYS A 160 16.55 -2.98 -3.28
CA LYS A 160 16.10 -1.72 -3.89
C LYS A 160 16.91 -1.40 -5.15
N PRO A 161 16.75 -2.16 -6.24
CA PRO A 161 17.33 -1.76 -7.53
C PRO A 161 16.39 -0.85 -8.31
N CYS A 162 15.99 0.24 -7.67
CA CYS A 162 14.97 1.15 -8.21
C CYS A 162 15.59 2.42 -8.78
N ASN A 163 16.73 2.25 -9.49
CA ASN A 163 17.38 3.39 -10.11
C ASN A 163 16.39 4.20 -10.93
N GLY A 164 15.54 3.54 -11.71
CA GLY A 164 14.48 4.23 -12.42
C GLY A 164 13.30 4.52 -11.52
N VAL A 165 12.22 5.05 -12.08
CA VAL A 165 11.01 5.35 -11.34
C VAL A 165 9.93 4.36 -11.78
N ALA A 166 9.36 3.64 -10.83
CA ALA A 166 8.39 2.59 -11.15
C ALA A 166 7.23 2.63 -10.16
N GLY A 167 6.39 1.59 -10.15
CA GLY A 167 5.21 1.59 -9.34
C GLY A 167 5.02 0.36 -8.46
N PHE A 168 5.97 -0.57 -8.50
CA PHE A 168 5.95 -1.75 -7.61
C PHE A 168 7.04 -1.57 -6.56
N ASN A 169 6.62 -1.44 -5.31
CA ASN A 169 7.45 -1.19 -4.14
C ASN A 169 8.20 0.13 -4.25
N CYS A 170 8.06 0.87 -5.34
CA CYS A 170 8.67 2.19 -5.51
C CYS A 170 7.55 3.20 -5.52
N TYR A 171 7.25 3.77 -4.37
CA TYR A 171 6.01 4.50 -4.16
C TYR A 171 6.30 5.98 -3.95
N PHE A 172 5.42 6.81 -4.51
CA PHE A 172 5.44 8.24 -4.23
C PHE A 172 5.08 8.42 -2.76
N PRO A 173 5.86 9.15 -1.98
CA PRO A 173 5.71 9.08 -0.52
C PRO A 173 4.52 9.85 0.03
N LEU A 174 4.05 10.86 -0.70
CA LEU A 174 3.02 11.74 -0.17
C LEU A 174 1.67 11.47 -0.82
N ARG A 175 0.64 11.60 0.03
CA ARG A 175 -0.73 11.44 -0.43
C ARG A 175 -1.46 12.72 -0.05
N SER A 176 -2.41 13.17 -0.87
CA SER A 176 -3.13 14.41 -0.67
C SER A 176 -4.46 14.11 0.03
N TYR A 177 -4.80 14.94 1.02
CA TYR A 177 -6.10 14.83 1.65
C TYR A 177 -7.21 15.07 0.63
N SER A 178 -8.43 14.69 1.01
CA SER A 178 -9.59 14.95 0.17
C SER A 178 -10.17 16.33 0.46
N PHE A 179 -10.55 16.57 1.71
CA PHE A 179 -11.11 17.86 2.12
C PHE A 179 -12.19 18.32 1.16
N ARG A 180 -13.18 17.45 0.92
CA ARG A 180 -14.28 17.78 0.04
C ARG A 180 -15.10 18.92 0.64
N PRO A 181 -15.93 19.58 -0.18
CA PRO A 181 -16.69 20.72 0.34
C PRO A 181 -17.55 20.38 1.54
N THR A 182 -17.98 19.12 1.68
CA THR A 182 -18.85 18.76 2.80
C THR A 182 -18.72 17.26 3.07
N TYR A 183 -18.04 16.93 4.17
CA TYR A 183 -18.13 15.61 4.80
C TYR A 183 -18.68 15.77 6.21
N GLY A 184 -19.09 14.66 6.79
CA GLY A 184 -19.40 14.64 8.21
C GLY A 184 -18.14 14.85 9.03
N VAL A 185 -18.34 15.27 10.29
CA VAL A 185 -17.21 15.55 11.16
C VAL A 185 -16.34 14.31 11.27
N GLY A 186 -15.02 14.51 11.21
CA GLY A 186 -14.06 13.43 11.21
C GLY A 186 -13.11 13.44 10.04
N HIS A 187 -13.50 14.01 8.90
CA HIS A 187 -12.61 14.22 7.77
C HIS A 187 -12.37 15.69 7.46
N GLN A 188 -13.06 16.60 8.14
CA GLN A 188 -12.95 18.02 7.87
C GLN A 188 -11.63 18.56 8.38
N PRO A 189 -11.19 19.71 7.85
CA PRO A 189 -9.87 20.23 8.23
C PRO A 189 -9.88 21.00 9.54
N TYR A 190 -9.00 20.61 10.46
CA TYR A 190 -8.77 21.33 11.71
C TYR A 190 -7.42 22.02 11.66
N ARG A 191 -7.39 23.30 12.01
CA ARG A 191 -6.13 23.98 12.22
C ARG A 191 -5.69 23.79 13.66
N VAL A 192 -4.44 23.41 13.85
CA VAL A 192 -3.86 23.19 15.17
C VAL A 192 -2.55 23.94 15.28
N VAL A 193 -2.38 24.68 16.36
CA VAL A 193 -1.18 25.44 16.65
C VAL A 193 -0.60 24.92 17.95
N VAL A 194 0.68 24.60 17.94
CA VAL A 194 1.34 23.98 19.09
C VAL A 194 2.48 24.90 19.52
N LEU A 195 2.19 25.78 20.47
CA LEU A 195 3.21 26.64 21.06
C LEU A 195 4.18 25.79 21.87
N SER A 196 5.46 26.12 21.79
CA SER A 196 6.50 25.38 22.52
C SER A 196 7.29 26.40 23.34
N PHE A 197 6.94 26.52 24.62
CA PHE A 197 7.64 27.43 25.50
C PHE A 197 9.06 26.92 25.75
N GLU A 198 9.83 27.71 26.50
CA GLU A 198 11.24 27.43 26.72
C GLU A 198 11.75 28.36 27.80
N LEU A 199 13.02 28.19 28.15
CA LEU A 199 13.67 29.01 29.17
C LEU A 199 15.07 29.42 28.74
N MET B 1 -1.23 -14.23 8.81
CA MET B 1 -0.28 -15.07 8.02
C MET B 1 -0.97 -15.71 6.83
N GLN B 2 -2.30 -15.58 6.78
CA GLN B 2 -3.08 -16.12 5.67
C GLN B 2 -4.12 -15.09 5.27
N LEU B 3 -4.76 -15.34 4.14
CA LEU B 3 -5.81 -14.48 3.62
C LEU B 3 -7.17 -15.13 3.83
N VAL B 4 -8.17 -14.30 4.10
CA VAL B 4 -9.54 -14.75 4.33
C VAL B 4 -10.43 -14.17 3.25
N GLN B 5 -11.21 -15.02 2.59
CA GLN B 5 -12.08 -14.60 1.52
C GLN B 5 -13.48 -15.19 1.75
N SER B 6 -14.49 -14.42 1.35
CA SER B 6 -15.87 -14.82 1.58
C SER B 6 -16.16 -16.15 0.89
N GLY B 7 -17.31 -16.73 1.24
CA GLY B 7 -17.74 -17.97 0.65
C GLY B 7 -18.31 -17.77 -0.73
N PRO B 8 -18.81 -18.87 -1.31
CA PRO B 8 -19.36 -18.78 -2.67
C PRO B 8 -20.58 -17.89 -2.74
N GLU B 9 -20.80 -17.35 -3.93
CA GLU B 9 -21.95 -16.49 -4.14
C GLU B 9 -22.63 -16.89 -5.43
N VAL B 10 -23.88 -16.57 -5.59
CA VAL B 10 -24.69 -16.89 -6.76
C VAL B 10 -25.30 -15.59 -7.28
N LYS B 11 -25.19 -15.36 -8.58
CA LYS B 11 -25.72 -14.16 -9.20
C LYS B 11 -26.21 -14.48 -10.60
N LYS B 12 -27.18 -13.69 -11.07
CA LYS B 12 -27.71 -13.76 -12.42
C LYS B 12 -27.14 -12.64 -13.26
N PRO B 13 -27.13 -12.79 -14.59
CA PRO B 13 -26.45 -11.80 -15.43
C PRO B 13 -27.03 -10.41 -15.25
N GLY B 14 -26.16 -9.40 -15.30
CA GLY B 14 -26.54 -8.02 -15.18
C GLY B 14 -26.35 -7.42 -13.79
N SER B 15 -26.20 -8.25 -12.77
CA SER B 15 -26.04 -7.77 -11.41
C SER B 15 -24.59 -7.38 -11.16
N SER B 16 -24.24 -7.15 -9.90
CA SER B 16 -22.88 -6.85 -9.49
C SER B 16 -22.51 -7.71 -8.28
N VAL B 17 -21.22 -7.96 -8.13
CA VAL B 17 -20.71 -8.83 -7.07
C VAL B 17 -19.63 -8.11 -6.30
N ARG B 18 -19.60 -8.31 -4.99
CA ARG B 18 -18.57 -7.76 -4.10
C ARG B 18 -17.86 -8.91 -3.41
N VAL B 19 -16.52 -8.91 -3.49
CA VAL B 19 -15.69 -9.95 -2.90
C VAL B 19 -14.72 -9.28 -1.93
N SER B 20 -14.60 -9.85 -0.74
CA SER B 20 -13.80 -9.28 0.33
C SER B 20 -12.54 -10.12 0.55
N CYS B 21 -11.39 -9.46 0.58
CA CYS B 21 -10.12 -10.07 0.92
C CYS B 21 -9.63 -9.42 2.20
N LYS B 22 -9.78 -10.13 3.33
CA LYS B 22 -9.49 -9.59 4.65
C LYS B 22 -8.18 -10.19 5.15
N ALA B 23 -7.25 -9.33 5.53
CA ALA B 23 -5.94 -9.73 6.02
C ALA B 23 -5.70 -9.13 7.39
N SER B 24 -4.48 -9.32 7.90
CA SER B 24 -4.05 -8.78 9.18
C SER B 24 -2.73 -8.05 8.99
N GLY B 25 -2.59 -6.91 9.65
CA GLY B 25 -1.38 -6.12 9.57
C GLY B 25 -1.28 -5.24 8.34
N PHE B 26 -2.31 -5.19 7.50
CA PHE B 26 -2.27 -4.34 6.31
C PHE B 26 -2.11 -2.87 6.70
N THR B 27 -2.86 -2.42 7.69
CA THR B 27 -2.78 -1.03 8.12
C THR B 27 -1.38 -0.72 8.65
N PHE B 28 -0.87 0.45 8.30
CA PHE B 28 0.43 0.95 8.75
C PHE B 28 1.58 0.25 8.05
N THR B 29 1.30 -0.75 7.23
CA THR B 29 2.35 -1.54 6.58
C THR B 29 2.11 -1.57 5.07
N PRO B 30 3.10 -1.21 4.25
CA PRO B 30 2.91 -1.30 2.80
C PRO B 30 2.54 -2.72 2.37
N SER B 31 1.57 -2.81 1.48
CA SER B 31 1.09 -4.11 1.01
C SER B 31 0.42 -3.92 -0.33
N ALA B 32 1.01 -4.45 -1.39
CA ALA B 32 0.45 -4.37 -2.73
C ALA B 32 -0.28 -5.67 -3.02
N VAL B 33 -1.61 -5.63 -2.93
CA VAL B 33 -2.46 -6.81 -3.13
C VAL B 33 -3.04 -6.76 -4.52
N GLN B 34 -2.87 -7.84 -5.27
CA GLN B 34 -3.44 -7.96 -6.61
C GLN B 34 -4.68 -8.85 -6.55
N TRP B 35 -5.29 -9.03 -7.72
CA TRP B 35 -6.48 -9.86 -7.86
C TRP B 35 -6.36 -10.66 -9.15
N VAL B 36 -6.59 -11.97 -9.06
CA VAL B 36 -6.40 -12.88 -10.18
C VAL B 36 -7.64 -13.75 -10.32
N ARG B 37 -8.04 -13.99 -11.57
CA ARG B 37 -9.17 -14.84 -11.82
C ARG B 37 -8.71 -16.08 -12.55
N GLN B 38 -9.45 -17.17 -12.40
CA GLN B 38 -9.09 -18.45 -13.02
C GLN B 38 -10.36 -19.26 -13.23
N ALA B 39 -10.68 -19.53 -14.48
CA ALA B 39 -11.77 -20.45 -14.79
C ALA B 39 -11.28 -21.89 -14.72
N ARG B 40 -12.21 -22.83 -14.83
CA ARG B 40 -11.90 -24.24 -14.74
C ARG B 40 -11.02 -24.67 -15.92
N GLY B 41 -9.78 -25.03 -15.63
CA GLY B 41 -8.88 -25.56 -16.63
C GLY B 41 -8.22 -24.53 -17.52
N GLN B 42 -8.56 -23.26 -17.36
CA GLN B 42 -7.98 -22.20 -18.18
C GLN B 42 -6.76 -21.60 -17.50
N ARG B 43 -6.00 -20.83 -18.27
CA ARG B 43 -4.85 -20.11 -17.73
C ARG B 43 -5.31 -19.01 -16.78
N LEU B 44 -4.44 -18.67 -15.83
CA LEU B 44 -4.73 -17.56 -14.94
C LEU B 44 -4.81 -16.26 -15.74
N GLU B 45 -5.64 -15.37 -15.32
CA GLU B 45 -5.79 -14.08 -15.98
C GLU B 45 -5.76 -12.98 -14.95
N TRP B 46 -4.99 -11.97 -15.18
CA TRP B 46 -4.85 -10.84 -14.27
C TRP B 46 -6.09 -9.95 -14.29
N ILE B 47 -6.35 -9.28 -13.17
CA ILE B 47 -7.49 -8.38 -13.06
C ILE B 47 -7.03 -6.99 -12.63
N GLY B 48 -6.48 -6.88 -11.42
CA GLY B 48 -6.20 -5.57 -10.85
C GLY B 48 -5.28 -5.70 -9.66
N TRP B 49 -4.84 -4.54 -9.16
CA TRP B 49 -4.07 -4.50 -7.93
C TRP B 49 -4.20 -3.11 -7.32
N ILE B 50 -3.93 -3.03 -6.03
CA ILE B 50 -4.09 -1.78 -5.27
C ILE B 50 -3.07 -1.76 -4.14
N VAL B 51 -2.55 -0.56 -3.86
CA VAL B 51 -1.63 -0.35 -2.75
C VAL B 51 -2.46 0.07 -1.54
N VAL B 52 -2.35 -0.70 -0.46
CA VAL B 52 -3.16 -0.44 0.72
C VAL B 52 -2.84 0.92 1.33
N GLY B 53 -1.65 1.45 1.07
CA GLY B 53 -1.25 2.70 1.68
C GLY B 53 -1.85 3.93 1.02
N SER B 54 -1.50 4.17 -0.24
CA SER B 54 -1.86 5.40 -0.93
C SER B 54 -3.14 5.29 -1.75
N GLY B 55 -3.72 4.11 -1.90
CA GLY B 55 -4.89 3.95 -2.74
C GLY B 55 -4.59 3.85 -4.23
N ASN B 56 -3.32 3.94 -4.62
CA ASN B 56 -2.97 3.84 -6.02
C ASN B 56 -3.47 2.52 -6.59
N THR B 57 -4.04 2.59 -7.80
CA THR B 57 -4.67 1.42 -8.40
C THR B 57 -4.44 1.43 -9.90
N ASN B 58 -4.60 0.28 -10.53
CA ASN B 58 -4.43 0.14 -11.96
C ASN B 58 -5.28 -1.05 -12.41
N TYR B 59 -6.00 -0.94 -13.49
CA TYR B 59 -6.91 -1.96 -13.99
C TYR B 59 -6.53 -2.33 -15.42
N ALA B 60 -6.86 -3.55 -15.80
CA ALA B 60 -6.67 -3.97 -17.18
C ALA B 60 -7.64 -3.24 -18.09
N GLN B 61 -7.18 -2.87 -19.29
CA GLN B 61 -8.03 -2.14 -20.21
C GLN B 61 -9.32 -2.90 -20.50
N LYS B 62 -9.20 -4.20 -20.72
CA LYS B 62 -10.38 -5.02 -21.00
C LYS B 62 -11.35 -4.93 -19.84
N PHE B 63 -10.86 -5.13 -18.63
CA PHE B 63 -11.73 -5.13 -17.46
C PHE B 63 -12.05 -3.72 -16.98
N GLN B 64 -11.56 -2.69 -17.65
CA GLN B 64 -11.94 -1.33 -17.30
C GLN B 64 -13.44 -1.14 -17.51
N GLU B 65 -14.02 -0.26 -16.69
CA GLU B 65 -15.45 0.03 -16.65
C GLU B 65 -16.24 -1.08 -15.98
N ARG B 66 -15.61 -2.21 -15.65
CA ARG B 66 -16.28 -3.33 -15.01
C ARG B 66 -15.71 -3.70 -13.64
N VAL B 67 -14.55 -3.18 -13.27
CA VAL B 67 -13.86 -3.56 -12.04
C VAL B 67 -13.63 -2.31 -11.21
N THR B 68 -13.90 -2.41 -9.91
CA THR B 68 -13.64 -1.33 -8.96
C THR B 68 -13.06 -1.95 -7.69
N ILE B 69 -11.80 -1.66 -7.42
CA ILE B 69 -11.11 -2.17 -6.23
C ILE B 69 -11.10 -1.05 -5.20
N THR B 70 -11.82 -1.27 -4.09
CA THR B 70 -11.97 -0.27 -3.05
C THR B 70 -11.31 -0.76 -1.77
N ARG B 71 -10.86 0.21 -0.97
CA ARG B 71 -10.04 -0.06 0.21
C ARG B 71 -10.75 0.42 1.47
N ASP B 72 -10.45 -0.24 2.59
CA ASP B 72 -10.96 0.13 3.89
C ASP B 72 -9.84 -0.09 4.91
N MET B 73 -9.25 1.01 5.40
CA MET B 73 -8.14 0.90 6.35
C MET B 73 -8.61 0.41 7.71
N SER B 74 -9.70 1.00 8.22
CA SER B 74 -10.09 0.75 9.60
C SER B 74 -10.27 -0.74 9.86
N THR B 75 -10.97 -1.44 8.98
CA THR B 75 -11.18 -2.86 9.11
C THR B 75 -10.10 -3.70 8.45
N GLY B 76 -9.14 -3.07 7.76
CA GLY B 76 -8.15 -3.83 7.03
C GLY B 76 -8.76 -4.72 5.96
N THR B 77 -9.73 -4.20 5.23
CA THR B 77 -10.47 -4.96 4.23
C THR B 77 -10.21 -4.39 2.84
N VAL B 78 -10.31 -5.25 1.84
CA VAL B 78 -10.17 -4.88 0.44
C VAL B 78 -11.42 -5.35 -0.29
N TYR B 79 -11.96 -4.48 -1.14
CA TYR B 79 -13.20 -4.73 -1.86
C TYR B 79 -12.91 -4.82 -3.34
N MET B 80 -13.38 -5.90 -3.98
CA MET B 80 -13.33 -6.05 -5.42
C MET B 80 -14.76 -6.09 -5.95
N ASP B 81 -15.17 -5.00 -6.61
CA ASP B 81 -16.52 -4.85 -7.11
C ASP B 81 -16.54 -5.06 -8.62
N LEU B 82 -17.39 -5.96 -9.08
CA LEU B 82 -17.58 -6.22 -10.50
C LEU B 82 -19.05 -6.00 -10.83
N SER B 83 -19.31 -5.31 -11.95
CA SER B 83 -20.65 -4.98 -12.38
C SER B 83 -20.93 -5.58 -13.75
N SER B 84 -22.21 -5.84 -14.01
CA SER B 84 -22.65 -6.42 -15.28
C SER B 84 -21.99 -7.79 -15.50
N LEU B 85 -22.30 -8.72 -14.60
CA LEU B 85 -21.74 -10.05 -14.67
C LEU B 85 -22.06 -10.70 -16.02
N ARG B 86 -21.06 -11.39 -16.58
CA ARG B 86 -21.20 -12.15 -17.81
C ARG B 86 -20.78 -13.59 -17.55
N SER B 87 -21.34 -14.51 -18.33
CA SER B 87 -21.04 -15.92 -18.13
C SER B 87 -19.54 -16.19 -18.19
N GLU B 88 -18.79 -15.39 -18.95
CA GLU B 88 -17.36 -15.59 -19.06
C GLU B 88 -16.64 -15.32 -17.75
N ASP B 89 -17.28 -14.61 -16.82
CA ASP B 89 -16.65 -14.28 -15.55
C ASP B 89 -16.73 -15.43 -14.54
N THR B 90 -17.62 -16.39 -14.77
CA THR B 90 -17.78 -17.49 -13.83
C THR B 90 -16.45 -18.20 -13.65
N ALA B 91 -15.81 -18.01 -12.50
CA ALA B 91 -14.46 -18.51 -12.28
C ALA B 91 -14.09 -18.30 -10.82
N CYS B 92 -12.90 -18.77 -10.45
CA CYS B 92 -12.38 -18.64 -9.10
C CYS B 92 -11.52 -17.39 -8.99
N TYR B 93 -11.66 -16.66 -7.90
CA TYR B 93 -10.99 -15.38 -7.70
C TYR B 93 -10.09 -15.46 -6.47
N TYR B 94 -8.81 -15.18 -6.66
CA TYR B 94 -7.82 -15.19 -5.59
C TYR B 94 -7.31 -13.77 -5.34
N CYS B 95 -7.02 -13.48 -4.08
CA CYS B 95 -6.36 -12.24 -3.68
C CYS B 95 -5.00 -12.60 -3.10
N ALA B 96 -3.95 -11.98 -3.64
CA ALA B 96 -2.58 -12.29 -3.25
C ALA B 96 -1.85 -11.01 -2.86
N ALA B 97 -1.09 -11.09 -1.77
CA ALA B 97 -0.29 -9.97 -1.29
C ALA B 97 1.05 -10.48 -0.81
N PRO B 98 2.08 -9.65 -0.82
CA PRO B 98 3.39 -10.08 -0.36
C PRO B 98 3.56 -9.92 1.15
N HIS B 99 4.33 -10.83 1.73
CA HIS B 99 4.63 -10.79 3.17
C HIS B 99 5.21 -9.43 3.54
N CYS B 100 4.48 -8.67 4.36
CA CYS B 100 4.86 -7.30 4.68
C CYS B 100 4.45 -6.95 6.10
N ASN B 101 5.44 -6.93 7.00
CA ASN B 101 5.20 -6.39 8.34
C ASN B 101 6.27 -5.37 8.72
N ARG B 102 7.54 -5.64 8.37
CA ARG B 102 8.63 -4.76 8.81
C ARG B 102 8.88 -3.57 7.90
N THR B 103 7.85 -2.77 7.64
CA THR B 103 7.98 -1.61 6.75
C THR B 103 8.36 -2.13 5.39
N ASN B 104 9.59 -2.61 5.26
CA ASN B 104 10.02 -3.22 4.02
C ASN B 104 9.09 -4.35 3.63
N CYS B 105 9.27 -4.87 2.43
CA CYS B 105 8.39 -5.92 1.92
C CYS B 105 9.19 -6.99 1.19
N TYR B 106 8.69 -8.21 1.29
CA TYR B 106 9.11 -9.27 0.39
C TYR B 106 8.65 -8.93 -1.03
N ASP B 107 9.61 -8.79 -1.95
CA ASP B 107 9.28 -8.26 -3.26
C ASP B 107 8.27 -9.15 -3.99
N GLY B 108 8.41 -10.47 -3.87
CA GLY B 108 7.53 -11.37 -4.57
C GLY B 108 6.19 -11.57 -3.86
N PHE B 109 5.20 -11.99 -4.66
CA PHE B 109 3.88 -12.31 -4.12
C PHE B 109 3.91 -13.76 -3.63
N ASP B 110 3.80 -13.94 -2.31
CA ASP B 110 3.92 -15.25 -1.69
C ASP B 110 2.63 -15.75 -1.05
N LEU B 111 1.91 -14.89 -0.34
CA LEU B 111 0.66 -15.30 0.28
C LEU B 111 -0.46 -15.33 -0.75
N TRP B 112 -1.30 -16.35 -0.69
CA TRP B 112 -2.42 -16.50 -1.61
C TRP B 112 -3.63 -17.01 -0.85
N GLY B 113 -4.79 -16.46 -1.17
CA GLY B 113 -6.00 -16.83 -0.46
C GLY B 113 -6.54 -18.19 -0.88
N GLN B 114 -7.60 -18.61 -0.17
CA GLN B 114 -8.22 -19.90 -0.44
C GLN B 114 -9.04 -19.90 -1.72
N GLY B 115 -9.43 -18.74 -2.21
CA GLY B 115 -10.22 -18.66 -3.43
C GLY B 115 -11.71 -18.59 -3.15
N THR B 116 -12.43 -17.98 -4.09
CA THR B 116 -13.88 -17.88 -4.02
C THR B 116 -14.46 -18.30 -5.36
N VAL B 117 -15.55 -19.06 -5.32
CA VAL B 117 -16.21 -19.53 -6.53
C VAL B 117 -17.45 -18.67 -6.76
N VAL B 118 -17.52 -18.06 -7.95
CA VAL B 118 -18.65 -17.24 -8.36
C VAL B 118 -19.19 -17.80 -9.66
N THR B 119 -20.50 -18.08 -9.69
CA THR B 119 -21.13 -18.68 -10.85
C THR B 119 -22.41 -17.94 -11.19
N VAL B 120 -22.71 -17.83 -12.48
CA VAL B 120 -23.86 -17.06 -12.91
C VAL B 120 -24.51 -17.68 -14.15
N GLU C 1 -0.29 -6.29 -22.58
CA GLU C 1 0.44 -6.07 -23.85
C GLU C 1 1.51 -7.14 -24.05
N ILE C 2 2.41 -7.27 -23.08
CA ILE C 2 3.48 -8.26 -23.17
C ILE C 2 2.87 -9.65 -23.25
N VAL C 3 3.34 -10.45 -24.19
CA VAL C 3 2.85 -11.79 -24.42
C VAL C 3 3.92 -12.79 -24.00
N LEU C 4 3.55 -13.71 -23.12
CA LEU C 4 4.46 -14.75 -22.64
C LEU C 4 4.06 -16.09 -23.24
N THR C 5 5.05 -16.85 -23.71
CA THR C 5 4.84 -18.17 -24.27
C THR C 5 5.60 -19.19 -23.42
N GLN C 6 4.89 -20.27 -23.06
CA GLN C 6 5.50 -21.33 -22.27
C GLN C 6 5.55 -22.62 -23.06
N SER C 7 6.71 -23.26 -23.08
CA SER C 7 6.92 -24.51 -23.78
C SER C 7 7.86 -25.39 -22.96
N PRO C 8 7.82 -26.71 -23.15
CA PRO C 8 6.89 -27.47 -24.00
C PRO C 8 5.48 -27.52 -23.41
N GLY C 9 4.47 -27.82 -24.22
CA GLY C 9 3.12 -27.90 -23.69
C GLY C 9 2.97 -29.01 -22.66
N THR C 10 3.51 -30.18 -22.94
CA THR C 10 3.40 -31.32 -22.04
C THR C 10 4.75 -32.04 -21.97
N LEU C 11 5.01 -32.62 -20.81
CA LEU C 11 6.23 -33.40 -20.57
C LEU C 11 5.84 -34.73 -19.96
N SER C 12 6.58 -35.79 -20.30
CA SER C 12 6.32 -37.13 -19.78
C SER C 12 7.66 -37.77 -19.44
N LEU C 13 8.09 -37.64 -18.19
CA LEU C 13 9.34 -38.20 -17.72
C LEU C 13 9.14 -38.82 -16.34
N SER C 14 9.88 -39.90 -16.09
CA SER C 14 9.76 -40.65 -14.85
C SER C 14 10.38 -39.88 -13.69
N PRO C 15 10.03 -40.24 -12.45
CA PRO C 15 10.57 -39.51 -11.30
C PRO C 15 12.09 -39.57 -11.26
N GLY C 16 12.73 -38.49 -10.81
CA GLY C 16 14.17 -38.49 -10.64
C GLY C 16 14.92 -37.81 -11.76
N GLU C 17 14.25 -37.65 -12.89
CA GLU C 17 14.89 -37.07 -14.05
C GLU C 17 14.96 -35.56 -13.99
N ARG C 18 15.53 -34.95 -15.02
CA ARG C 18 15.68 -33.50 -15.08
C ARG C 18 14.74 -32.93 -16.14
N ALA C 19 13.98 -31.90 -15.76
CA ALA C 19 13.05 -31.23 -16.67
C ALA C 19 13.42 -29.77 -16.80
N THR C 20 13.19 -29.22 -17.98
CA THR C 20 13.52 -27.82 -18.29
C THR C 20 12.33 -27.16 -18.94
N LEU C 21 12.07 -25.91 -18.54
CA LEU C 21 10.95 -25.14 -19.06
C LEU C 21 11.44 -23.77 -19.52
N SER C 22 10.81 -23.25 -20.56
CA SER C 22 11.18 -21.98 -21.16
C SER C 22 10.02 -21.00 -21.11
N CYS C 23 10.31 -19.78 -20.68
CA CYS C 23 9.34 -18.69 -20.66
C CYS C 23 9.88 -17.56 -21.51
N ARG C 24 9.21 -17.29 -22.64
CA ARG C 24 9.68 -16.33 -23.62
C ARG C 24 8.76 -15.12 -23.64
N ALA C 25 9.35 -13.95 -23.85
CA ALA C 25 8.64 -12.67 -23.79
C ALA C 25 8.69 -11.99 -25.15
N SER C 26 8.18 -10.75 -25.19
CA SER C 26 8.15 -9.96 -26.40
C SER C 26 8.85 -8.62 -26.27
N GLN C 27 9.24 -8.23 -25.06
CA GLN C 27 9.96 -6.98 -24.84
C GLN C 27 10.87 -7.14 -23.63
N SER C 28 11.83 -6.23 -23.52
CA SER C 28 12.79 -6.29 -22.43
C SER C 28 12.06 -6.28 -21.08
N VAL C 29 12.45 -7.21 -20.21
CA VAL C 29 11.87 -7.34 -18.87
C VAL C 29 13.01 -7.38 -17.86
N SER C 30 12.92 -6.55 -16.84
CA SER C 30 13.96 -6.54 -15.80
C SER C 30 14.04 -7.91 -15.15
N SER C 31 15.25 -8.42 -14.99
CA SER C 31 15.45 -9.74 -14.41
C SER C 31 15.09 -9.80 -12.93
N SER C 32 14.85 -8.66 -12.29
CA SER C 32 14.48 -8.63 -10.88
C SER C 32 12.98 -8.73 -10.66
N TYR C 33 12.18 -8.83 -11.71
CA TYR C 33 10.73 -8.75 -11.64
C TYR C 33 10.08 -9.89 -12.43
N LEU C 34 10.57 -11.12 -12.22
CA LEU C 34 9.99 -12.30 -12.83
C LEU C 34 9.81 -13.38 -11.76
N ALA C 35 8.78 -14.21 -11.92
CA ALA C 35 8.45 -15.20 -10.92
C ALA C 35 7.77 -16.39 -11.57
N TRP C 36 7.76 -17.51 -10.84
CA TRP C 36 7.16 -18.76 -11.28
C TRP C 36 6.21 -19.26 -10.20
N TYR C 37 5.14 -19.94 -10.64
CA TYR C 37 4.14 -20.48 -9.73
C TYR C 37 3.88 -21.94 -10.07
N GLN C 38 3.47 -22.69 -9.05
CA GLN C 38 3.10 -24.09 -9.20
C GLN C 38 1.66 -24.28 -8.75
N GLN C 39 0.91 -25.06 -9.52
CA GLN C 39 -0.52 -25.25 -9.27
C GLN C 39 -0.87 -26.73 -9.34
N LYS C 40 -1.56 -27.21 -8.33
CA LYS C 40 -2.13 -28.56 -8.32
C LYS C 40 -3.64 -28.48 -8.38
N PRO C 41 -4.31 -29.51 -8.90
CA PRO C 41 -5.76 -29.42 -9.13
C PRO C 41 -6.52 -29.08 -7.85
N GLY C 42 -7.17 -27.92 -7.87
CA GLY C 42 -8.08 -27.53 -6.81
C GLY C 42 -7.48 -26.69 -5.72
N GLN C 43 -6.16 -26.61 -5.63
CA GLN C 43 -5.49 -25.88 -4.56
C GLN C 43 -5.12 -24.47 -5.02
N ALA C 44 -4.61 -23.69 -4.08
CA ALA C 44 -4.17 -22.34 -4.39
C ALA C 44 -2.77 -22.37 -5.00
N PRO C 45 -2.41 -21.37 -5.81
CA PRO C 45 -1.07 -21.34 -6.39
C PRO C 45 -0.01 -21.13 -5.32
N ARG C 46 1.21 -21.57 -5.62
CA ARG C 46 2.35 -21.49 -4.73
C ARG C 46 3.47 -20.72 -5.39
N LEU C 47 4.16 -19.89 -4.62
CA LEU C 47 5.28 -19.11 -5.12
C LEU C 47 6.54 -19.96 -5.09
N LEU C 48 7.29 -19.94 -6.20
CA LEU C 48 8.51 -20.72 -6.33
C LEU C 48 9.75 -19.84 -6.44
N ILE C 49 9.78 -18.92 -7.39
CA ILE C 49 10.95 -18.09 -7.66
C ILE C 49 10.51 -16.63 -7.68
N TYR C 50 11.29 -15.77 -7.03
CA TYR C 50 11.12 -14.34 -7.10
C TYR C 50 12.42 -13.71 -7.57
N GLY C 51 12.32 -12.84 -8.57
CA GLY C 51 13.50 -12.27 -9.19
C GLY C 51 14.19 -13.16 -10.19
N ALA C 52 13.63 -14.34 -10.48
CA ALA C 52 14.15 -15.24 -11.51
C ALA C 52 15.42 -15.95 -11.06
N SER C 53 15.98 -15.57 -9.91
CA SER C 53 17.20 -16.21 -9.41
C SER C 53 17.17 -16.54 -7.93
N SER C 54 16.24 -16.00 -7.14
CA SER C 54 16.18 -16.24 -5.71
C SER C 54 15.07 -17.23 -5.41
N ARG C 55 15.42 -18.36 -4.79
CA ARG C 55 14.45 -19.37 -4.42
C ARG C 55 13.70 -18.92 -3.16
N ALA C 56 12.39 -19.17 -3.16
CA ALA C 56 11.58 -18.82 -1.99
C ALA C 56 12.01 -19.66 -0.79
N THR C 57 11.73 -19.13 0.40
CA THR C 57 12.16 -19.77 1.63
C THR C 57 11.60 -21.18 1.73
N GLY C 58 12.46 -22.14 2.06
CA GLY C 58 12.06 -23.50 2.35
C GLY C 58 11.87 -24.39 1.17
N ILE C 59 11.86 -23.85 -0.05
CA ILE C 59 11.64 -24.67 -1.25
C ILE C 59 12.89 -25.51 -1.50
N PRO C 60 12.77 -26.73 -2.03
CA PRO C 60 13.96 -27.55 -2.25
C PRO C 60 14.95 -26.89 -3.20
N ASP C 61 16.23 -27.16 -2.95
CA ASP C 61 17.30 -26.59 -3.77
C ASP C 61 17.31 -27.18 -5.18
N ARG C 62 16.63 -28.31 -5.39
CA ARG C 62 16.61 -28.92 -6.72
C ARG C 62 16.08 -27.95 -7.77
N PHE C 63 15.24 -27.00 -7.37
CA PHE C 63 14.79 -25.97 -8.29
C PHE C 63 15.95 -25.06 -8.67
N SER C 64 15.83 -24.47 -9.86
CA SER C 64 16.86 -23.54 -10.34
C SER C 64 16.23 -22.60 -11.34
N GLY C 65 16.74 -21.38 -11.43
CA GLY C 65 16.20 -20.39 -12.34
C GLY C 65 17.23 -19.38 -12.82
N THR C 66 17.20 -19.08 -14.12
CA THR C 66 18.09 -18.09 -14.71
C THR C 66 17.36 -17.46 -15.89
N GLY C 67 18.06 -16.61 -16.63
CA GLY C 67 17.52 -15.93 -17.79
C GLY C 67 17.74 -14.44 -17.70
N SER C 68 17.43 -13.77 -18.80
CA SER C 68 17.59 -12.32 -18.91
C SER C 68 16.93 -11.88 -20.22
N GLY C 69 16.87 -10.57 -20.42
CA GLY C 69 16.30 -10.01 -21.63
C GLY C 69 14.85 -10.38 -21.84
N THR C 70 14.56 -11.09 -22.94
CA THR C 70 13.19 -11.41 -23.32
C THR C 70 12.97 -12.93 -23.35
N ASP C 71 13.69 -13.66 -22.51
CA ASP C 71 13.56 -15.11 -22.45
C ASP C 71 14.08 -15.61 -21.11
N PHE C 72 13.23 -16.29 -20.35
CA PHE C 72 13.57 -16.84 -19.06
C PHE C 72 13.22 -18.33 -19.04
N THR C 73 13.97 -19.08 -18.22
CA THR C 73 13.82 -20.53 -18.18
C THR C 73 13.83 -21.01 -16.73
N LEU C 74 13.18 -22.14 -16.50
CA LEU C 74 13.21 -22.84 -15.22
C LEU C 74 13.64 -24.28 -15.45
N THR C 75 14.55 -24.71 -14.49
CA THR C 75 15.05 -26.07 -14.53
C THR C 75 14.89 -26.77 -13.19
N ILE C 76 14.44 -28.04 -13.24
CA ILE C 76 14.32 -28.83 -12.02
C ILE C 76 15.24 -30.04 -12.17
N SER C 77 16.10 -30.25 -11.18
CA SER C 77 17.16 -31.25 -11.31
C SER C 77 16.64 -32.66 -11.07
N ARG C 78 16.15 -32.95 -9.88
CA ARG C 78 15.69 -34.28 -9.49
C ARG C 78 14.19 -34.21 -9.24
N LEU C 79 13.43 -34.82 -10.15
CA LEU C 79 11.99 -34.80 -10.03
C LEU C 79 11.48 -35.89 -9.12
N GLU C 80 10.30 -35.70 -8.57
CA GLU C 80 9.69 -36.71 -7.71
C GLU C 80 8.22 -36.81 -8.10
N PRO C 81 7.52 -37.85 -7.63
CA PRO C 81 6.13 -38.02 -8.07
C PRO C 81 5.21 -36.88 -7.66
N GLU C 82 5.32 -36.33 -6.51
CA GLU C 82 4.41 -35.28 -6.06
C GLU C 82 4.60 -33.98 -6.82
N ASP C 83 5.70 -33.87 -7.61
CA ASP C 83 5.93 -32.63 -8.32
C ASP C 83 5.10 -32.53 -9.59
N PHE C 84 4.48 -33.63 -10.03
CA PHE C 84 3.60 -33.57 -11.19
C PHE C 84 2.52 -32.53 -10.98
N ALA C 85 2.58 -31.45 -11.76
CA ALA C 85 1.67 -30.33 -11.62
C ALA C 85 1.79 -29.47 -12.87
N VAL C 86 1.18 -28.29 -12.85
CA VAL C 86 1.27 -27.33 -13.94
C VAL C 86 1.92 -26.06 -13.39
N TYR C 87 2.92 -25.56 -14.11
CA TYR C 87 3.68 -24.39 -13.69
C TYR C 87 3.36 -23.22 -14.61
N TYR C 88 3.11 -22.06 -14.01
CA TYR C 88 2.81 -20.84 -14.75
C TYR C 88 3.94 -19.84 -14.56
N CYS C 89 4.31 -19.18 -15.66
CA CYS C 89 5.35 -18.17 -15.65
C CYS C 89 4.69 -16.79 -15.67
N GLN C 90 5.10 -15.95 -14.74
CA GLN C 90 4.57 -14.60 -14.63
C GLN C 90 5.71 -13.60 -14.62
N GLN C 91 5.54 -12.61 -15.56
CA GLN C 91 6.45 -11.49 -15.57
C GLN C 91 5.65 -10.48 -14.76
N TYR C 92 6.32 -9.85 -13.78
CA TYR C 92 5.62 -8.92 -12.89
C TYR C 92 6.46 -7.66 -12.67
N GLY C 93 6.99 -7.13 -13.78
CA GLY C 93 7.77 -5.91 -13.76
C GLY C 93 7.03 -4.69 -14.29
N ARG C 94 6.32 -4.87 -15.40
CA ARG C 94 5.74 -3.75 -16.14
C ARG C 94 4.22 -3.89 -16.18
N SER C 95 3.53 -2.83 -15.80
CA SER C 95 2.09 -2.77 -15.98
C SER C 95 1.75 -2.59 -17.46
N PRO C 96 0.71 -3.27 -17.97
CA PRO C 96 -0.20 -4.18 -17.28
C PRO C 96 0.45 -5.51 -16.98
N TRP C 97 -0.06 -6.22 -15.98
CA TRP C 97 0.57 -7.41 -15.47
C TRP C 97 0.24 -8.57 -16.42
N THR C 98 1.00 -9.66 -16.37
CA THR C 98 0.71 -10.73 -17.29
C THR C 98 1.23 -12.07 -16.78
N PHE C 99 0.57 -13.14 -17.22
CA PHE C 99 0.86 -14.51 -16.86
C PHE C 99 1.27 -15.29 -18.10
N GLY C 100 1.48 -16.60 -17.92
CA GLY C 100 1.80 -17.49 -19.00
C GLY C 100 0.64 -18.38 -19.40
N GLN C 101 0.96 -19.37 -20.24
CA GLN C 101 -0.06 -20.30 -20.70
C GLN C 101 -0.21 -21.50 -19.77
N GLY C 102 0.88 -22.21 -19.51
CA GLY C 102 0.87 -23.35 -18.63
C GLY C 102 1.56 -24.55 -19.26
N THR C 103 1.99 -25.48 -18.41
CA THR C 103 2.65 -26.71 -18.84
C THR C 103 2.18 -27.86 -17.99
N LYS C 104 2.49 -29.08 -18.43
CA LYS C 104 2.13 -30.30 -17.71
C LYS C 104 3.31 -31.27 -17.74
N VAL C 105 3.52 -31.96 -16.62
CA VAL C 105 4.60 -32.92 -16.47
C VAL C 105 4.03 -34.18 -15.83
N GLU C 106 4.30 -35.33 -16.43
CA GLU C 106 3.79 -36.61 -15.93
C GLU C 106 4.75 -37.72 -16.39
N ILE C 107 4.26 -38.95 -16.36
CA ILE C 107 4.99 -40.10 -16.90
C ILE C 107 3.99 -41.17 -17.32
#